data_9HIL
#
_entry.id   9HIL
#
_cell.length_a   62.180
_cell.length_b   75.590
_cell.length_c   119.220
_cell.angle_alpha   90.00
_cell.angle_beta   90.00
_cell.angle_gamma   90.00
#
_symmetry.space_group_name_H-M   'P 21 21 21'
#
loop_
_entity.id
_entity.type
_entity.pdbx_description
1 polymer "Uridine 5'-monophosphate synthase"
2 non-polymer "CYTIDINE-5'-MONOPHOSPHATE"
3 water water
#
_entity_poly.entity_id   1
_entity_poly.type   'polypeptide(L)'
_entity_poly.pdbx_seq_one_letter_code
;MELSFGARAELPRIHPVASKLLRLMQKKETNLCLSADVSLARELLQLADALGPSICMLKTHVDILNDFTLDVMKELITLA
K(CSS)HEFLIFEDRKFADIGNTVKKQYEGGIFKIASWADLVNAHVVPGSGVVKGLQEVGLPLHRGCLLIAEMSSTGSLA
TGDYTRAAVRMAEEHSEFVVGFISGSRVSMKPEFLHLTPGVQLEAGGDNLGQQYNSPQEVIGKRGSDIIIVGRGIISAAD
RLEAAEMYRKAAWEAYLSRLG
;
_entity_poly.pdbx_strand_id   A,B
#
# COMPACT_ATOMS: atom_id res chain seq x y z
N MET A 1 -11.56 33.90 10.82
CA MET A 1 -11.11 33.83 9.45
C MET A 1 -11.50 32.50 8.81
N GLU A 2 -12.46 31.81 9.44
CA GLU A 2 -12.89 30.50 8.97
C GLU A 2 -13.89 30.67 7.83
N LEU A 3 -13.59 30.08 6.68
CA LEU A 3 -14.36 30.29 5.46
C LEU A 3 -15.31 29.13 5.20
N SER A 4 -16.40 29.44 4.50
CA SER A 4 -17.33 28.42 4.06
C SER A 4 -16.70 27.53 3.00
N PHE A 5 -17.29 26.35 2.80
CA PHE A 5 -16.87 25.49 1.71
C PHE A 5 -17.05 26.20 0.36
N GLY A 6 -18.16 26.93 0.22
CA GLY A 6 -18.39 27.65 -1.02
C GLY A 6 -17.35 28.72 -1.29
N ALA A 7 -16.92 29.43 -0.25
CA ALA A 7 -15.89 30.44 -0.46
C ALA A 7 -14.56 29.79 -0.83
N ARG A 8 -14.23 28.69 -0.17
CA ARG A 8 -12.98 27.99 -0.47
C ARG A 8 -12.98 27.43 -1.89
N ALA A 9 -14.15 27.05 -2.41
CA ALA A 9 -14.22 26.55 -3.77
C ALA A 9 -13.79 27.59 -4.79
N GLU A 10 -13.75 28.86 -4.40
CA GLU A 10 -13.45 29.95 -5.31
C GLU A 10 -12.06 30.55 -5.07
N LEU A 11 -11.27 29.97 -4.18
CA LEU A 11 -9.98 30.55 -3.88
C LEU A 11 -9.10 30.52 -5.13
N PRO A 12 -8.32 31.57 -5.37
CA PRO A 12 -7.47 31.58 -6.58
C PRO A 12 -6.63 30.34 -6.79
N ARG A 13 -6.04 29.79 -5.73
CA ARG A 13 -5.11 28.68 -5.85
C ARG A 13 -5.74 27.32 -5.65
N ILE A 14 -7.07 27.23 -5.69
CA ILE A 14 -7.74 25.97 -5.44
C ILE A 14 -7.54 25.04 -6.63
N HIS A 15 -7.38 23.75 -6.35
CA HIS A 15 -7.30 22.73 -7.37
C HIS A 15 -8.70 22.43 -7.89
N PRO A 16 -8.85 22.20 -9.20
CA PRO A 16 -10.20 21.94 -9.75
C PRO A 16 -10.96 20.82 -9.08
N VAL A 17 -10.31 19.72 -8.68
CA VAL A 17 -11.02 18.63 -8.01
C VAL A 17 -11.51 19.08 -6.64
N ALA A 18 -10.65 19.76 -5.88
CA ALA A 18 -11.10 20.30 -4.60
C ALA A 18 -12.28 21.26 -4.80
N SER A 19 -12.21 22.13 -5.81
CA SER A 19 -13.28 23.09 -6.04
C SER A 19 -14.59 22.38 -6.36
N LYS A 20 -14.54 21.36 -7.21
CA LYS A 20 -15.74 20.58 -7.49
C LYS A 20 -16.30 19.98 -6.21
N LEU A 21 -15.44 19.43 -5.37
CA LEU A 21 -15.89 18.78 -4.14
C LEU A 21 -16.50 19.78 -3.19
N LEU A 22 -15.83 20.92 -2.99
CA LEU A 22 -16.32 21.93 -2.07
C LEU A 22 -17.66 22.50 -2.53
N ARG A 23 -17.83 22.64 -3.84
CA ARG A 23 -19.08 23.13 -4.37
C ARG A 23 -20.23 22.20 -4.11
N LEU A 24 -20.03 20.90 -4.33
CA LEU A 24 -21.12 19.96 -4.10
C LEU A 24 -21.36 19.75 -2.61
N MET A 25 -20.31 19.89 -1.78
CA MET A 25 -20.52 19.89 -0.33
C MET A 25 -21.45 21.01 0.10
N GLN A 26 -21.19 22.23 -0.39
CA GLN A 26 -22.05 23.36 -0.05
C GLN A 26 -23.45 23.17 -0.63
N LYS A 27 -23.54 22.70 -1.88
CA LYS A 27 -24.84 22.56 -2.52
C LYS A 27 -25.71 21.56 -1.75
N LYS A 28 -25.17 20.39 -1.45
CA LYS A 28 -25.94 19.30 -0.86
C LYS A 28 -25.95 19.33 0.67
N GLU A 29 -25.23 20.25 1.29
CA GLU A 29 -25.12 20.32 2.75
C GLU A 29 -24.63 18.99 3.32
N THR A 30 -23.53 18.49 2.76
CA THR A 30 -22.90 17.30 3.30
C THR A 30 -21.39 17.42 3.26
N ASN A 31 -20.77 17.01 4.36
CA ASN A 31 -19.32 16.80 4.42
C ASN A 31 -19.05 15.40 4.92
N LEU A 32 -19.84 14.44 4.45
CA LEU A 32 -19.76 13.04 4.87
C LEU A 32 -19.21 12.20 3.74
N CYS A 33 -18.14 11.44 4.01
CA CYS A 33 -17.61 10.45 3.10
C CYS A 33 -17.97 9.05 3.62
N LEU A 34 -18.68 8.30 2.80
CA LEU A 34 -19.09 6.95 3.17
C LEU A 34 -17.95 5.97 2.86
N SER A 35 -17.55 5.20 3.86
CA SER A 35 -16.56 4.14 3.66
C SER A 35 -17.34 2.88 3.32
N ALA A 36 -17.40 2.57 2.01
CA ALA A 36 -18.25 1.50 1.50
C ALA A 36 -17.48 0.17 1.57
N ASP A 37 -17.31 -0.30 2.80
CA ASP A 37 -16.49 -1.48 3.07
C ASP A 37 -17.36 -2.72 2.89
N VAL A 38 -17.58 -3.08 1.63
CA VAL A 38 -18.41 -4.20 1.24
C VAL A 38 -17.65 -4.98 0.17
N SER A 39 -18.00 -6.26 0.02
N SER A 39 -18.00 -6.26 0.02
CA SER A 39 -17.24 -7.16 -0.83
CA SER A 39 -17.25 -7.18 -0.82
C SER A 39 -17.98 -7.59 -2.10
C SER A 39 -17.98 -7.59 -2.08
N LEU A 40 -19.22 -7.16 -2.27
CA LEU A 40 -20.00 -7.51 -3.45
C LEU A 40 -20.51 -6.25 -4.16
N ALA A 41 -20.49 -6.31 -5.49
CA ALA A 41 -20.83 -5.14 -6.29
C ALA A 41 -22.27 -4.71 -6.08
N ARG A 42 -23.19 -5.67 -5.90
CA ARG A 42 -24.60 -5.34 -5.68
C ARG A 42 -24.78 -4.48 -4.45
N GLU A 43 -24.11 -4.82 -3.35
N GLU A 43 -24.10 -4.86 -3.35
CA GLU A 43 -24.27 -3.98 -2.17
CA GLU A 43 -24.14 -4.08 -2.11
C GLU A 43 -23.60 -2.63 -2.35
C GLU A 43 -23.59 -2.67 -2.35
N LEU A 44 -22.44 -2.60 -3.02
CA LEU A 44 -21.79 -1.32 -3.29
C LEU A 44 -22.71 -0.39 -4.06
N LEU A 45 -23.30 -0.90 -5.15
CA LEU A 45 -24.11 -0.03 -6.00
C LEU A 45 -25.43 0.34 -5.33
N GLN A 46 -26.01 -0.57 -4.54
CA GLN A 46 -27.24 -0.23 -3.84
C GLN A 46 -26.99 0.82 -2.75
N LEU A 47 -25.85 0.72 -2.06
CA LEU A 47 -25.50 1.75 -1.10
C LEU A 47 -25.19 3.07 -1.80
N ALA A 48 -24.45 3.03 -2.90
CA ALA A 48 -24.11 4.26 -3.61
C ALA A 48 -25.37 4.97 -4.11
N ASP A 49 -26.32 4.21 -4.66
CA ASP A 49 -27.55 4.81 -5.16
C ASP A 49 -28.37 5.39 -4.01
N ALA A 50 -28.56 4.62 -2.94
CA ALA A 50 -29.47 5.04 -1.88
C ALA A 50 -28.87 6.14 -1.03
N LEU A 51 -27.57 6.08 -0.74
CA LEU A 51 -26.92 7.08 0.10
C LEU A 51 -26.27 8.21 -0.69
N GLY A 52 -26.23 8.12 -2.02
CA GLY A 52 -25.65 9.14 -2.87
C GLY A 52 -26.01 10.56 -2.51
N PRO A 53 -27.31 10.82 -2.36
CA PRO A 53 -27.74 12.20 -2.02
C PRO A 53 -27.21 12.72 -0.68
N SER A 54 -26.82 11.84 0.23
CA SER A 54 -26.42 12.25 1.57
C SER A 54 -24.92 12.43 1.73
N ILE A 55 -24.13 12.12 0.71
CA ILE A 55 -22.68 12.04 0.85
C ILE A 55 -22.01 12.95 -0.16
N CYS A 56 -20.83 13.44 0.22
CA CYS A 56 -20.00 14.17 -0.72
C CYS A 56 -18.98 13.28 -1.40
N MET A 57 -18.84 12.04 -0.96
CA MET A 57 -17.73 11.21 -1.39
C MET A 57 -18.00 9.78 -0.95
N LEU A 58 -17.63 8.84 -1.82
CA LEU A 58 -17.75 7.42 -1.56
C LEU A 58 -16.35 6.84 -1.63
N LYS A 59 -15.88 6.28 -0.51
CA LYS A 59 -14.54 5.72 -0.42
C LYS A 59 -14.62 4.23 -0.65
N THR A 60 -13.85 3.75 -1.62
CA THR A 60 -13.89 2.37 -2.06
C THR A 60 -12.58 1.67 -1.74
N HIS A 61 -12.66 0.34 -1.65
CA HIS A 61 -11.50 -0.55 -1.67
C HIS A 61 -11.81 -1.53 -2.80
N VAL A 62 -11.45 -1.19 -4.04
CA VAL A 62 -11.77 -2.04 -5.16
C VAL A 62 -11.13 -3.41 -5.03
N ASP A 63 -10.04 -3.51 -4.26
CA ASP A 63 -9.33 -4.78 -4.17
C ASP A 63 -9.93 -5.72 -3.15
N ILE A 64 -11.05 -5.36 -2.51
CA ILE A 64 -11.81 -6.32 -1.73
C ILE A 64 -13.11 -6.71 -2.42
N LEU A 65 -13.42 -6.12 -3.56
N LEU A 65 -13.37 -6.21 -3.62
CA LEU A 65 -14.59 -6.53 -4.33
CA LEU A 65 -14.62 -6.50 -4.33
C LEU A 65 -14.32 -7.92 -4.89
C LEU A 65 -14.48 -7.85 -5.04
N ASN A 66 -15.16 -8.88 -4.53
CA ASN A 66 -14.95 -10.23 -5.04
C ASN A 66 -15.39 -10.37 -6.48
N ASP A 67 -16.34 -9.56 -6.93
CA ASP A 67 -16.85 -9.64 -8.29
C ASP A 67 -16.57 -8.34 -9.05
N PHE A 68 -15.39 -7.77 -8.83
CA PHE A 68 -14.99 -6.57 -9.56
C PHE A 68 -14.99 -6.84 -11.06
N THR A 69 -15.58 -5.92 -11.81
CA THR A 69 -15.29 -5.76 -13.24
C THR A 69 -15.29 -4.26 -13.53
N LEU A 70 -14.71 -3.87 -14.66
CA LEU A 70 -14.77 -2.45 -15.01
C LEU A 70 -16.20 -1.97 -15.23
N ASP A 71 -17.10 -2.86 -15.66
CA ASP A 71 -18.48 -2.41 -15.84
C ASP A 71 -19.13 -2.06 -14.50
N VAL A 72 -18.65 -2.66 -13.40
CA VAL A 72 -19.16 -2.24 -12.09
C VAL A 72 -18.78 -0.80 -11.81
N MET A 73 -17.54 -0.44 -12.10
CA MET A 73 -17.08 0.93 -11.89
C MET A 73 -17.78 1.89 -12.83
N LYS A 74 -18.16 1.42 -14.02
CA LYS A 74 -18.94 2.25 -14.94
C LYS A 74 -20.29 2.59 -14.34
N GLU A 75 -20.93 1.61 -13.70
CA GLU A 75 -22.19 1.87 -13.01
C GLU A 75 -21.98 2.81 -11.83
N LEU A 76 -20.87 2.66 -11.10
CA LEU A 76 -20.64 3.52 -9.94
C LEU A 76 -20.46 4.96 -10.37
N ILE A 77 -19.75 5.19 -11.44
CA ILE A 77 -19.53 6.53 -11.98
C ILE A 77 -20.86 7.16 -12.38
N THR A 78 -21.72 6.36 -12.95
CA THR A 78 -23.02 6.84 -13.35
C THR A 78 -23.76 7.34 -12.13
N LEU A 79 -23.68 6.60 -11.03
CA LEU A 79 -24.36 7.02 -9.80
C LEU A 79 -23.67 8.23 -9.19
N ALA A 80 -22.34 8.27 -9.24
CA ALA A 80 -21.62 9.42 -8.72
C ALA A 80 -22.01 10.71 -9.45
N LYS A 81 -22.15 10.62 -10.77
CA LYS A 81 -22.56 11.76 -11.58
C LYS A 81 -24.00 12.15 -11.28
N HIS A 83 -25.92 11.51 -8.52
CA HIS A 83 -26.15 12.02 -7.19
C HIS A 83 -25.16 13.08 -6.78
N GLU A 84 -24.11 13.24 -7.55
CA GLU A 84 -23.13 14.29 -7.30
C GLU A 84 -22.27 13.97 -6.09
N PHE A 85 -21.43 12.93 -6.21
CA PHE A 85 -20.38 12.68 -5.23
C PHE A 85 -19.12 12.25 -5.95
N LEU A 86 -17.99 12.44 -5.29
CA LEU A 86 -16.72 11.98 -5.83
C LEU A 86 -16.45 10.55 -5.38
N ILE A 87 -15.61 9.85 -6.16
CA ILE A 87 -15.14 8.51 -5.82
C ILE A 87 -13.70 8.60 -5.35
N PHE A 88 -13.45 8.08 -4.15
CA PHE A 88 -12.13 8.08 -3.51
C PHE A 88 -11.73 6.63 -3.33
N GLU A 89 -10.76 6.19 -4.11
CA GLU A 89 -10.20 4.85 -3.94
C GLU A 89 -9.10 4.91 -2.90
N ASP A 90 -9.32 4.20 -1.79
CA ASP A 90 -8.47 4.24 -0.60
C ASP A 90 -7.37 3.17 -0.75
N ARG A 91 -6.52 3.40 -1.75
CA ARG A 91 -5.51 2.42 -2.14
C ARG A 91 -4.23 2.54 -1.32
N LYS A 92 -4.00 3.68 -0.68
N LYS A 92 -4.01 3.67 -0.66
CA LYS A 92 -2.83 3.89 0.17
CA LYS A 92 -2.83 3.88 0.18
C LYS A 92 -1.55 3.54 -0.58
C LYS A 92 -1.54 3.55 -0.58
N PHE A 93 -1.40 4.15 -1.75
CA PHE A 93 -0.22 3.93 -2.56
C PHE A 93 1.05 4.20 -1.75
N ALA A 94 2.06 3.37 -1.98
CA ALA A 94 3.34 3.50 -1.27
C ALA A 94 4.54 3.18 -2.16
N ASP A 95 4.37 2.67 -3.36
CA ASP A 95 5.49 2.37 -4.23
C ASP A 95 5.88 3.63 -4.99
N ILE A 96 7.00 3.55 -5.72
CA ILE A 96 7.52 4.72 -6.43
C ILE A 96 7.79 4.36 -7.90
N GLY A 97 8.13 5.38 -8.67
CA GLY A 97 8.58 5.17 -10.02
C GLY A 97 7.51 4.54 -10.89
N ASN A 98 7.98 3.76 -11.88
CA ASN A 98 7.07 3.21 -12.89
C ASN A 98 6.08 2.24 -12.25
N THR A 99 6.42 1.64 -11.12
CA THR A 99 5.49 0.69 -10.49
C THR A 99 4.22 1.40 -10.03
N VAL A 100 4.35 2.53 -9.31
CA VAL A 100 3.14 3.20 -8.82
C VAL A 100 2.30 3.67 -9.99
N LYS A 101 2.95 4.10 -11.04
CA LYS A 101 2.20 4.61 -12.16
C LYS A 101 1.32 3.54 -12.74
N LYS A 102 1.85 2.32 -12.86
CA LYS A 102 1.07 1.24 -13.42
C LYS A 102 0.00 0.75 -12.45
N GLN A 103 0.29 0.82 -11.15
CA GLN A 103 -0.69 0.46 -10.13
C GLN A 103 -1.88 1.41 -10.13
N TYR A 104 -1.65 2.67 -10.49
CA TYR A 104 -2.69 3.68 -10.52
C TYR A 104 -3.43 3.67 -11.85
N GLU A 105 -2.70 3.48 -12.95
CA GLU A 105 -3.29 3.61 -14.28
C GLU A 105 -3.69 2.27 -14.88
N GLY A 106 -3.03 1.18 -14.49
CA GLY A 106 -3.09 -0.05 -15.24
C GLY A 106 -3.57 -1.23 -14.44
N GLY A 107 -3.06 -2.42 -14.77
CA GLY A 107 -3.55 -3.61 -14.09
C GLY A 107 -5.02 -3.85 -14.41
N ILE A 108 -5.63 -4.71 -13.59
CA ILE A 108 -7.04 -5.05 -13.80
C ILE A 108 -7.95 -3.89 -13.39
N PHE A 109 -7.55 -3.11 -12.38
CA PHE A 109 -8.49 -2.18 -11.77
C PHE A 109 -8.58 -0.85 -12.53
N LYS A 110 -7.52 -0.44 -13.22
N LYS A 110 -7.51 -0.44 -13.22
CA LYS A 110 -7.47 0.84 -13.93
CA LYS A 110 -7.48 0.83 -13.94
C LYS A 110 -8.02 1.98 -13.07
C LYS A 110 -8.01 1.98 -13.07
N ILE A 111 -7.42 2.11 -11.88
CA ILE A 111 -7.98 3.02 -10.87
C ILE A 111 -8.16 4.42 -11.42
N ALA A 112 -7.15 4.94 -12.12
CA ALA A 112 -7.21 6.33 -12.54
C ALA A 112 -8.35 6.60 -13.51
N SER A 113 -8.93 5.55 -14.11
N SER A 113 -8.93 5.56 -14.11
CA SER A 113 -10.01 5.76 -15.07
CA SER A 113 -10.01 5.74 -15.07
C SER A 113 -11.34 6.07 -14.41
C SER A 113 -11.33 6.09 -14.40
N TRP A 114 -11.50 5.77 -13.12
CA TRP A 114 -12.77 5.97 -12.44
C TRP A 114 -12.67 6.67 -11.09
N ALA A 115 -11.49 6.76 -10.48
CA ALA A 115 -11.34 7.38 -9.17
C ALA A 115 -10.98 8.85 -9.29
N ASP A 116 -11.85 9.72 -8.78
CA ASP A 116 -11.54 11.15 -8.72
C ASP A 116 -10.38 11.41 -7.78
N LEU A 117 -10.32 10.67 -6.66
CA LEU A 117 -9.29 10.83 -5.67
C LEU A 117 -8.68 9.48 -5.30
N VAL A 118 -7.39 9.53 -4.96
CA VAL A 118 -6.69 8.41 -4.32
C VAL A 118 -5.88 8.98 -3.17
N ASN A 119 -5.34 8.10 -2.34
CA ASN A 119 -4.45 8.53 -1.26
C ASN A 119 -3.11 7.83 -1.33
N ALA A 120 -2.12 8.41 -0.64
CA ALA A 120 -0.75 7.94 -0.69
C ALA A 120 -0.05 8.16 0.65
N HIS A 121 0.78 7.19 1.02
CA HIS A 121 1.67 7.37 2.16
C HIS A 121 2.88 8.19 1.77
N VAL A 122 3.42 8.94 2.71
CA VAL A 122 4.57 9.77 2.44
C VAL A 122 5.90 9.24 2.98
N VAL A 123 5.86 8.09 3.65
CA VAL A 123 7.07 7.56 4.23
C VAL A 123 8.18 7.27 3.23
N PRO A 124 7.87 6.81 2.01
CA PRO A 124 9.01 6.58 1.13
C PRO A 124 9.61 7.85 0.51
N GLY A 125 9.08 9.01 0.85
CA GLY A 125 9.51 10.24 0.22
C GLY A 125 8.54 10.65 -0.88
N SER A 126 8.91 11.74 -1.58
CA SER A 126 8.01 12.30 -2.59
C SER A 126 7.90 11.44 -3.83
N GLY A 127 8.66 10.35 -3.94
CA GLY A 127 8.56 9.49 -5.12
C GLY A 127 7.18 8.92 -5.32
N VAL A 128 6.42 8.71 -4.25
CA VAL A 128 5.08 8.15 -4.40
C VAL A 128 4.19 9.14 -5.16
N VAL A 129 4.16 10.39 -4.71
CA VAL A 129 3.32 11.39 -5.35
C VAL A 129 3.83 11.71 -6.75
N LYS A 130 5.14 11.76 -6.91
CA LYS A 130 5.68 12.09 -8.22
C LYS A 130 5.25 11.08 -9.25
N GLY A 131 5.29 9.81 -8.89
CA GLY A 131 4.85 8.76 -9.78
C GLY A 131 3.37 8.79 -10.07
N LEU A 132 2.56 9.03 -9.06
CA LEU A 132 1.14 9.10 -9.27
C LEU A 132 0.80 10.29 -10.15
N GLN A 133 1.49 11.40 -9.93
CA GLN A 133 1.18 12.63 -10.63
C GLN A 133 1.42 12.50 -12.13
N GLU A 134 2.35 11.65 -12.55
CA GLU A 134 2.62 11.52 -13.97
C GLU A 134 1.41 10.93 -14.69
N VAL A 135 0.63 10.12 -13.98
CA VAL A 135 -0.66 9.69 -14.48
C VAL A 135 -1.72 10.74 -14.21
N GLY A 136 -1.80 11.17 -12.94
CA GLY A 136 -3.00 11.85 -12.46
C GLY A 136 -3.18 13.26 -12.97
N LEU A 137 -2.08 14.00 -13.12
CA LEU A 137 -2.20 15.34 -13.68
C LEU A 137 -2.90 15.27 -15.05
N PRO A 138 -2.36 14.54 -16.02
CA PRO A 138 -3.04 14.46 -17.34
C PRO A 138 -4.52 14.14 -17.25
N LEU A 139 -4.95 13.36 -16.27
CA LEU A 139 -6.35 12.95 -16.16
C LEU A 139 -7.17 13.83 -15.22
N HIS A 140 -6.63 14.96 -14.78
CA HIS A 140 -7.35 15.89 -13.91
C HIS A 140 -7.80 15.21 -12.62
N ARG A 141 -6.94 14.40 -12.04
CA ARG A 141 -7.26 13.72 -10.80
C ARG A 141 -6.65 14.47 -9.62
N GLY A 142 -6.99 14.02 -8.42
CA GLY A 142 -6.39 14.56 -7.22
C GLY A 142 -5.94 13.45 -6.27
N CYS A 143 -5.07 13.84 -5.34
CA CYS A 143 -4.48 12.92 -4.38
C CYS A 143 -4.58 13.49 -2.98
N LEU A 144 -4.73 12.60 -2.00
CA LEU A 144 -4.68 12.95 -0.60
C LEU A 144 -3.46 12.29 0.05
N LEU A 145 -2.73 13.05 0.87
CA LEU A 145 -1.58 12.49 1.57
C LEU A 145 -1.99 12.09 2.99
N ILE A 146 -1.52 10.92 3.42
CA ILE A 146 -1.82 10.43 4.76
C ILE A 146 -0.82 11.08 5.71
N ALA A 147 -1.26 12.14 6.40
CA ALA A 147 -0.37 12.95 7.22
C ALA A 147 -0.35 12.55 8.69
N GLU A 148 -1.44 11.94 9.15
CA GLU A 148 -1.51 11.44 10.53
C GLU A 148 -2.18 10.06 10.48
N MET A 149 -1.67 9.06 11.18
CA MET A 149 -2.28 7.71 11.19
C MET A 149 -3.59 7.44 11.95
N SER A 150 -3.68 7.98 13.15
CA SER A 150 -4.83 7.77 14.05
C SER A 150 -5.09 6.31 14.47
N SER A 151 -4.04 5.51 14.62
CA SER A 151 -4.17 4.13 15.00
C SER A 151 -3.17 3.83 16.09
N THR A 152 -3.42 2.78 16.85
CA THR A 152 -2.58 2.48 17.98
C THR A 152 -1.16 2.19 17.53
N GLY A 153 -0.18 2.80 18.18
CA GLY A 153 1.20 2.56 17.82
C GLY A 153 1.67 3.25 16.56
N SER A 154 0.96 4.26 16.09
CA SER A 154 1.31 4.96 14.86
C SER A 154 2.70 5.52 14.96
N LEU A 155 3.45 5.49 13.87
CA LEU A 155 4.80 6.01 13.90
C LEU A 155 4.93 7.40 13.30
N ALA A 156 3.83 8.05 12.99
CA ALA A 156 3.84 9.37 12.37
C ALA A 156 4.03 10.43 13.45
N THR A 157 5.28 10.82 13.63
CA THR A 157 5.62 11.84 14.62
C THR A 157 5.25 13.24 14.09
N GLY A 158 5.54 14.26 14.90
CA GLY A 158 5.32 15.62 14.45
C GLY A 158 6.06 15.95 13.18
N ASP A 159 7.34 15.54 13.12
CA ASP A 159 8.16 15.83 11.94
C ASP A 159 7.62 15.12 10.71
N TYR A 160 7.15 13.88 10.87
CA TYR A 160 6.52 13.15 9.77
C TYR A 160 5.35 13.95 9.20
N THR A 161 4.47 14.42 10.08
CA THR A 161 3.30 15.16 9.64
C THR A 161 3.69 16.46 8.94
N ARG A 162 4.61 17.21 9.53
CA ARG A 162 5.11 18.42 8.87
C ARG A 162 5.67 18.09 7.49
N ALA A 163 6.42 16.99 7.38
CA ALA A 163 6.95 16.60 6.07
C ALA A 163 5.84 16.31 5.09
N ALA A 164 4.77 15.66 5.54
CA ALA A 164 3.63 15.41 4.67
C ALA A 164 3.04 16.72 4.17
N VAL A 165 2.97 17.73 5.03
CA VAL A 165 2.38 18.99 4.62
C VAL A 165 3.29 19.71 3.64
N ARG A 166 4.59 19.74 3.93
CA ARG A 166 5.53 20.36 3.00
C ARG A 166 5.47 19.69 1.64
N MET A 167 5.34 18.37 1.63
CA MET A 167 5.21 17.63 0.37
C MET A 167 3.93 18.02 -0.35
N ALA A 168 2.82 18.17 0.38
CA ALA A 168 1.59 18.58 -0.27
C ALA A 168 1.74 19.94 -0.94
N GLU A 169 2.43 20.88 -0.27
CA GLU A 169 2.59 22.21 -0.83
C GLU A 169 3.43 22.20 -2.09
N GLU A 170 4.50 21.40 -2.10
CA GLU A 170 5.37 21.33 -3.26
C GLU A 170 4.70 20.63 -4.43
N HIS A 171 3.62 19.91 -4.15
CA HIS A 171 2.87 19.20 -5.17
C HIS A 171 1.41 19.61 -5.22
N SER A 172 1.14 20.89 -5.04
CA SER A 172 -0.23 21.43 -5.02
C SER A 172 -1.03 21.31 -6.32
N GLU A 173 -0.37 21.08 -7.44
CA GLU A 173 -1.02 20.81 -8.69
C GLU A 173 -1.79 19.48 -8.72
N PHE A 174 -1.42 18.53 -7.88
CA PHE A 174 -2.04 17.23 -7.78
C PHE A 174 -2.61 16.90 -6.39
N VAL A 175 -1.91 17.30 -5.33
CA VAL A 175 -2.35 16.97 -3.98
C VAL A 175 -3.41 17.99 -3.57
N VAL A 176 -4.58 17.49 -3.19
CA VAL A 176 -5.72 18.34 -2.85
C VAL A 176 -6.06 18.31 -1.37
N GLY A 177 -5.40 17.46 -0.58
CA GLY A 177 -5.64 17.48 0.84
C GLY A 177 -4.98 16.32 1.55
N PHE A 178 -5.50 16.02 2.73
CA PHE A 178 -4.85 15.14 3.67
C PHE A 178 -5.87 14.20 4.32
N ILE A 179 -5.39 13.01 4.66
CA ILE A 179 -6.03 12.17 5.67
C ILE A 179 -5.33 12.46 6.98
N SER A 180 -6.09 12.91 7.97
CA SER A 180 -5.52 13.27 9.26
C SER A 180 -6.62 13.27 10.30
N GLY A 181 -6.23 13.37 11.56
CA GLY A 181 -7.18 13.44 12.65
C GLY A 181 -7.59 14.84 13.03
N SER A 182 -6.94 15.83 12.46
CA SER A 182 -7.23 17.24 12.74
C SER A 182 -6.62 18.06 11.60
N ARG A 183 -6.86 19.36 11.64
CA ARG A 183 -6.25 20.26 10.68
C ARG A 183 -4.74 20.24 10.84
N VAL A 184 -4.02 19.92 9.76
CA VAL A 184 -2.58 19.93 9.76
C VAL A 184 -1.99 21.09 8.97
N SER A 185 -2.78 21.76 8.13
CA SER A 185 -2.32 22.90 7.36
C SER A 185 -3.31 24.04 7.54
N MET A 186 -2.79 25.26 7.65
CA MET A 186 -3.63 26.44 7.75
C MET A 186 -4.06 26.97 6.39
N LYS A 187 -3.55 26.42 5.29
CA LYS A 187 -3.94 26.87 3.96
C LYS A 187 -5.34 26.35 3.66
N PRO A 188 -6.32 27.24 3.41
CA PRO A 188 -7.69 26.76 3.19
C PRO A 188 -7.91 26.06 1.86
N GLU A 189 -6.94 26.12 0.94
CA GLU A 189 -7.07 25.37 -0.31
C GLU A 189 -6.97 23.86 -0.10
N PHE A 190 -6.45 23.40 1.03
CA PHE A 190 -6.33 21.97 1.28
C PHE A 190 -7.54 21.46 2.05
N LEU A 191 -7.94 20.23 1.73
CA LEU A 191 -9.01 19.55 2.43
C LEU A 191 -8.45 18.57 3.47
N HIS A 192 -9.19 18.42 4.56
CA HIS A 192 -8.85 17.49 5.62
C HIS A 192 -9.98 16.48 5.77
N LEU A 193 -9.64 15.21 5.59
CA LEU A 193 -10.58 14.11 5.78
C LEU A 193 -10.13 13.31 7.00
N THR A 194 -11.06 13.01 7.89
CA THR A 194 -10.72 12.35 9.14
C THR A 194 -11.48 11.03 9.30
N PRO A 195 -10.76 9.91 9.46
CA PRO A 195 -11.44 8.65 9.79
C PRO A 195 -11.53 8.42 11.29
N GLY A 196 -12.16 7.33 11.68
CA GLY A 196 -12.37 7.02 13.07
C GLY A 196 -13.47 7.86 13.70
N VAL A 197 -14.65 7.84 13.10
CA VAL A 197 -15.75 8.72 13.49
C VAL A 197 -16.96 7.88 13.85
N GLN A 198 -17.51 8.14 15.04
CA GLN A 198 -18.75 7.56 15.49
C GLN A 198 -19.45 8.57 16.38
N LEU A 199 -20.78 8.56 16.36
CA LEU A 199 -21.54 9.47 17.21
C LEU A 199 -21.24 9.23 18.69
N GLU A 200 -21.04 7.98 19.09
CA GLU A 200 -20.92 7.64 20.50
C GLU A 200 -19.51 7.92 21.02
N GLN A 209 -9.96 3.98 18.86
CA GLN A 209 -9.94 5.44 18.81
C GLN A 209 -10.99 5.99 17.84
N TYR A 210 -12.19 6.24 18.35
CA TYR A 210 -13.25 6.92 17.62
C TYR A 210 -13.49 8.28 18.26
N ASN A 211 -13.81 9.27 17.42
CA ASN A 211 -14.22 10.57 17.90
C ASN A 211 -15.54 10.96 17.24
N SER A 212 -16.24 11.90 17.86
CA SER A 212 -17.54 12.33 17.37
C SER A 212 -17.37 13.32 16.21
N PRO A 213 -18.40 13.43 15.36
CA PRO A 213 -18.34 14.48 14.31
C PRO A 213 -18.19 15.88 14.86
N GLN A 214 -18.87 16.19 15.98
CA GLN A 214 -18.74 17.52 16.57
C GLN A 214 -17.31 17.77 17.05
N GLU A 215 -16.64 16.74 17.56
CA GLU A 215 -15.24 16.91 17.97
C GLU A 215 -14.35 17.06 16.74
N VAL A 216 -14.54 16.21 15.73
CA VAL A 216 -13.62 16.17 14.59
C VAL A 216 -13.75 17.43 13.74
N ILE A 217 -14.99 17.79 13.39
CA ILE A 217 -15.22 18.94 12.53
C ILE A 217 -15.21 20.24 13.33
N GLY A 218 -15.90 20.25 14.47
CA GLY A 218 -16.09 21.48 15.20
C GLY A 218 -14.84 21.97 15.90
N LYS A 219 -14.16 21.08 16.62
CA LYS A 219 -13.03 21.46 17.46
C LYS A 219 -11.68 21.20 16.83
N ARG A 220 -11.55 20.12 16.06
CA ARG A 220 -10.26 19.74 15.49
C ARG A 220 -10.03 20.29 14.09
N GLY A 221 -11.01 20.98 13.53
CA GLY A 221 -10.83 21.70 12.29
C GLY A 221 -10.89 20.89 11.02
N SER A 222 -11.28 19.62 11.11
CA SER A 222 -11.33 18.82 9.90
C SER A 222 -12.54 19.18 9.04
N ASP A 223 -12.50 18.76 7.79
CA ASP A 223 -13.53 19.15 6.82
C ASP A 223 -14.56 18.07 6.56
N ILE A 224 -14.14 16.82 6.49
CA ILE A 224 -14.96 15.70 6.05
C ILE A 224 -14.73 14.55 7.01
N ILE A 225 -15.81 13.95 7.48
CA ILE A 225 -15.68 12.73 8.29
C ILE A 225 -15.83 11.52 7.38
N ILE A 226 -14.97 10.52 7.60
CA ILE A 226 -15.04 9.24 6.90
C ILE A 226 -15.68 8.27 7.86
N VAL A 227 -16.81 7.68 7.47
CA VAL A 227 -17.60 6.83 8.37
C VAL A 227 -17.89 5.51 7.67
N GLY A 228 -17.50 4.41 8.30
CA GLY A 228 -17.84 3.09 7.80
C GLY A 228 -18.91 2.40 8.63
N ARG A 229 -18.48 1.59 9.59
CA ARG A 229 -19.40 0.72 10.32
C ARG A 229 -20.53 1.48 11.01
N GLY A 230 -20.28 2.71 11.45
CA GLY A 230 -21.35 3.52 12.01
C GLY A 230 -22.56 3.66 11.10
N ILE A 231 -22.35 3.59 9.79
CA ILE A 231 -23.43 3.57 8.81
C ILE A 231 -23.70 2.16 8.29
N ILE A 232 -22.67 1.48 7.80
CA ILE A 232 -22.86 0.24 7.02
C ILE A 232 -23.41 -0.89 7.88
N SER A 233 -23.05 -0.94 9.16
N SER A 233 -23.03 -0.94 9.16
CA SER A 233 -23.50 -2.02 10.03
CA SER A 233 -23.50 -2.00 10.04
C SER A 233 -24.86 -1.75 10.66
C SER A 233 -24.92 -1.77 10.53
N ALA A 234 -25.39 -0.52 10.54
CA ALA A 234 -26.72 -0.23 11.00
C ALA A 234 -27.76 -0.92 10.12
N ALA A 235 -28.91 -1.20 10.71
CA ALA A 235 -30.00 -1.80 9.94
C ALA A 235 -30.44 -0.88 8.82
N ASP A 236 -30.82 0.36 9.15
CA ASP A 236 -31.27 1.34 8.18
C ASP A 236 -30.10 2.25 7.84
N ARG A 237 -29.40 1.94 6.74
CA ARG A 237 -28.19 2.67 6.40
C ARG A 237 -28.48 4.09 5.94
N LEU A 238 -29.66 4.33 5.36
CA LEU A 238 -29.98 5.68 4.91
C LEU A 238 -30.20 6.61 6.09
N GLU A 239 -30.95 6.17 7.10
CA GLU A 239 -31.15 7.01 8.28
C GLU A 239 -29.83 7.26 9.00
N ALA A 240 -28.99 6.22 9.12
CA ALA A 240 -27.68 6.41 9.74
C ALA A 240 -26.87 7.44 8.96
N ALA A 241 -26.86 7.35 7.63
CA ALA A 241 -26.10 8.31 6.84
C ALA A 241 -26.60 9.73 7.10
N GLU A 242 -27.92 9.91 7.15
CA GLU A 242 -28.47 11.25 7.41
C GLU A 242 -28.09 11.76 8.80
N MET A 243 -28.04 10.86 9.79
N MET A 243 -28.04 10.86 9.79
CA MET A 243 -27.62 11.28 11.11
CA MET A 243 -27.62 11.25 11.12
C MET A 243 -26.19 11.80 11.10
C MET A 243 -26.20 11.78 11.10
N TYR A 244 -25.29 11.07 10.44
CA TYR A 244 -23.90 11.52 10.37
C TYR A 244 -23.78 12.80 9.55
N ARG A 245 -24.53 12.91 8.45
CA ARG A 245 -24.46 14.12 7.64
C ARG A 245 -24.84 15.36 8.44
N LYS A 246 -25.94 15.27 9.18
CA LYS A 246 -26.42 16.43 9.93
C LYS A 246 -25.50 16.77 11.09
N ALA A 247 -24.88 15.76 11.71
CA ALA A 247 -23.92 16.03 12.78
C ALA A 247 -22.70 16.75 12.24
N ALA A 248 -22.16 16.26 11.13
CA ALA A 248 -20.96 16.85 10.55
C ALA A 248 -21.26 18.23 9.98
N TRP A 249 -22.41 18.39 9.33
CA TRP A 249 -22.75 19.66 8.74
C TRP A 249 -22.97 20.73 9.81
N GLU A 250 -23.77 20.41 10.82
CA GLU A 250 -23.99 21.35 11.91
C GLU A 250 -22.69 21.68 12.63
N ALA A 251 -21.76 20.73 12.72
CA ALA A 251 -20.47 21.03 13.33
C ALA A 251 -19.70 22.04 12.49
N TYR A 252 -19.78 21.88 11.17
CA TYR A 252 -19.12 22.81 10.25
C TYR A 252 -19.77 24.18 10.31
N LEU A 253 -21.10 24.24 10.38
CA LEU A 253 -21.77 25.54 10.50
C LEU A 253 -21.40 26.25 11.80
N SER A 254 -21.24 25.49 12.89
CA SER A 254 -20.95 26.11 14.18
C SER A 254 -19.60 26.80 14.22
N ARG A 255 -18.65 26.39 13.38
CA ARG A 255 -17.32 26.99 13.42
C ARG A 255 -17.15 28.17 12.47
N LEU A 256 -18.12 28.43 11.58
CA LEU A 256 -17.98 29.54 10.67
C LEU A 256 -18.14 30.88 11.39
N GLY A 257 -19.18 30.99 12.20
CA GLY A 257 -19.48 32.25 12.86
C GLY A 257 -19.63 33.40 11.89
N MET B 1 29.57 -14.39 14.59
CA MET B 1 28.81 -15.63 14.75
C MET B 1 28.00 -15.93 13.49
N GLU B 2 28.56 -15.62 12.33
CA GLU B 2 27.85 -15.80 11.08
C GLU B 2 27.62 -17.28 10.81
N LEU B 3 26.37 -17.66 10.61
CA LEU B 3 26.00 -19.01 10.25
C LEU B 3 25.62 -19.06 8.77
N SER B 4 25.87 -20.20 8.15
CA SER B 4 25.43 -20.39 6.79
C SER B 4 23.91 -20.32 6.70
N PHE B 5 23.42 -20.05 5.49
CA PHE B 5 21.99 -20.16 5.24
C PHE B 5 21.48 -21.54 5.65
N GLY B 6 22.24 -22.59 5.33
CA GLY B 6 21.81 -23.94 5.67
C GLY B 6 21.66 -24.16 7.17
N ALA B 7 22.57 -23.62 7.97
CA ALA B 7 22.47 -23.77 9.41
C ALA B 7 21.36 -22.89 9.98
N ARG B 8 21.17 -21.70 9.41
CA ARG B 8 20.09 -20.84 9.86
C ARG B 8 18.73 -21.50 9.63
N ALA B 9 18.62 -22.30 8.57
CA ALA B 9 17.37 -22.99 8.30
C ALA B 9 17.03 -24.02 9.37
N GLU B 10 18.01 -24.42 10.18
CA GLU B 10 17.84 -25.45 11.19
C GLU B 10 17.62 -24.87 12.59
N LEU B 11 17.61 -23.55 12.72
CA LEU B 11 17.49 -22.92 14.03
C LEU B 11 16.17 -23.31 14.68
N PRO B 12 16.16 -23.45 16.00
CA PRO B 12 14.94 -23.90 16.68
C PRO B 12 13.71 -23.05 16.40
N ARG B 13 13.85 -21.73 16.38
CA ARG B 13 12.73 -20.82 16.28
C ARG B 13 12.52 -20.27 14.86
N ILE B 14 13.13 -20.91 13.86
CA ILE B 14 12.96 -20.46 12.48
C ILE B 14 11.53 -20.70 12.05
N HIS B 15 10.97 -19.74 11.34
CA HIS B 15 9.67 -19.91 10.72
C HIS B 15 9.80 -20.87 9.54
N PRO B 16 8.81 -21.75 9.35
CA PRO B 16 8.91 -22.71 8.23
C PRO B 16 9.19 -22.10 6.87
N VAL B 17 8.63 -20.91 6.58
CA VAL B 17 8.85 -20.29 5.28
C VAL B 17 10.29 -19.80 5.17
N ALA B 18 10.83 -19.23 6.24
CA ALA B 18 12.22 -18.80 6.23
C ALA B 18 13.14 -20.01 6.08
N SER B 19 12.81 -21.11 6.75
CA SER B 19 13.63 -22.31 6.65
C SER B 19 13.61 -22.86 5.23
N LYS B 20 12.44 -22.85 4.61
CA LYS B 20 12.31 -23.31 3.27
C LYS B 20 13.16 -22.42 2.35
N LEU B 21 13.09 -21.12 2.56
CA LEU B 21 13.84 -20.19 1.75
C LEU B 21 15.35 -20.36 1.92
N LEU B 22 15.79 -20.43 3.16
CA LEU B 22 17.23 -20.59 3.44
C LEU B 22 17.76 -21.90 2.87
N ARG B 23 16.96 -22.97 2.91
N ARG B 23 16.97 -22.96 2.90
CA ARG B 23 17.44 -24.25 2.39
CA ARG B 23 17.43 -24.25 2.39
C ARG B 23 17.67 -24.20 0.89
C ARG B 23 17.65 -24.22 0.89
N LEU B 24 16.74 -23.60 0.14
CA LEU B 24 16.90 -23.53 -1.31
C LEU B 24 18.00 -22.55 -1.70
N MET B 25 18.19 -21.48 -0.91
CA MET B 25 19.32 -20.58 -1.13
C MET B 25 20.63 -21.34 -1.05
N GLN B 26 20.82 -22.11 0.03
CA GLN B 26 22.04 -22.88 0.19
C GLN B 26 22.20 -23.90 -0.94
N LYS B 27 21.11 -24.60 -1.27
CA LYS B 27 21.20 -25.69 -2.24
C LYS B 27 21.53 -25.18 -3.62
N LYS B 28 20.90 -24.08 -4.04
CA LYS B 28 21.05 -23.54 -5.38
C LYS B 28 22.14 -22.47 -5.48
N GLU B 29 22.77 -22.13 -4.36
N GLU B 29 22.78 -22.12 -4.36
CA GLU B 29 23.77 -21.06 -4.31
CA GLU B 29 23.77 -21.06 -4.34
C GLU B 29 23.23 -19.78 -4.96
C GLU B 29 23.24 -19.77 -4.96
N THR B 30 22.09 -19.33 -4.45
CA THR B 30 21.53 -18.07 -4.87
C THR B 30 20.87 -17.35 -3.71
N ASN B 31 21.19 -16.08 -3.57
CA ASN B 31 20.51 -15.16 -2.67
C ASN B 31 20.00 -13.95 -3.46
N LEU B 32 19.48 -14.23 -4.66
CA LEU B 32 18.97 -13.21 -5.59
C LEU B 32 17.46 -13.27 -5.66
N CYS B 33 16.81 -12.14 -5.40
CA CYS B 33 15.37 -11.97 -5.60
C CYS B 33 15.15 -11.16 -6.87
N LEU B 34 14.45 -11.75 -7.84
CA LEU B 34 14.16 -11.06 -9.10
C LEU B 34 12.92 -10.20 -8.94
N SER B 35 13.05 -8.91 -9.24
CA SER B 35 11.91 -7.99 -9.24
C SER B 35 11.31 -8.03 -10.64
N ALA B 36 10.26 -8.83 -10.81
CA ALA B 36 9.68 -9.11 -12.12
C ALA B 36 8.65 -8.03 -12.44
N ASP B 37 9.15 -6.84 -12.79
CA ASP B 37 8.30 -5.67 -13.02
C ASP B 37 7.88 -5.66 -14.49
N VAL B 38 6.87 -6.49 -14.78
CA VAL B 38 6.34 -6.67 -16.13
C VAL B 38 4.81 -6.61 -16.05
N SER B 39 4.18 -6.31 -17.18
N SER B 39 4.19 -6.31 -17.18
CA SER B 39 2.76 -6.09 -17.21
CA SER B 39 2.76 -6.06 -17.26
C SER B 39 1.97 -7.20 -17.92
C SER B 39 1.98 -7.17 -17.94
N LEU B 40 2.64 -8.16 -18.54
CA LEU B 40 1.98 -9.23 -19.25
C LEU B 40 2.34 -10.57 -18.65
N ALA B 41 1.33 -11.43 -18.51
CA ALA B 41 1.54 -12.73 -17.88
C ALA B 41 2.53 -13.57 -18.67
N ARG B 42 2.45 -13.53 -20.00
CA ARG B 42 3.37 -14.33 -20.81
C ARG B 42 4.82 -14.01 -20.48
N GLU B 43 5.16 -12.73 -20.31
N GLU B 43 5.15 -12.72 -20.32
CA GLU B 43 6.54 -12.40 -20.00
CA GLU B 43 6.51 -12.35 -19.99
C GLU B 43 6.90 -12.79 -18.57
C GLU B 43 6.87 -12.83 -18.59
N LEU B 44 5.95 -12.65 -17.65
CA LEU B 44 6.19 -13.06 -16.27
C LEU B 44 6.52 -14.54 -16.20
N LEU B 45 5.74 -15.36 -16.89
CA LEU B 45 5.95 -16.80 -16.79
C LEU B 45 7.21 -17.24 -17.53
N GLN B 46 7.56 -16.56 -18.62
CA GLN B 46 8.78 -16.93 -19.34
C GLN B 46 10.03 -16.52 -18.56
N LEU B 47 9.98 -15.39 -17.85
CA LEU B 47 11.07 -15.03 -16.96
C LEU B 47 11.18 -16.00 -15.80
N ALA B 48 10.05 -16.32 -15.16
CA ALA B 48 10.08 -17.22 -14.03
C ALA B 48 10.67 -18.57 -14.43
N ASP B 49 10.36 -19.03 -15.64
CA ASP B 49 10.83 -20.33 -16.09
C ASP B 49 12.32 -20.30 -16.40
N ALA B 50 12.77 -19.26 -17.10
CA ALA B 50 14.17 -19.22 -17.53
C ALA B 50 15.10 -18.83 -16.38
N LEU B 51 14.68 -17.92 -15.51
CA LEU B 51 15.55 -17.46 -14.43
C LEU B 51 15.30 -18.19 -13.12
N GLY B 52 14.28 -19.03 -13.04
CA GLY B 52 13.97 -19.77 -11.85
C GLY B 52 15.16 -20.44 -11.20
N PRO B 53 15.98 -21.15 -11.99
CA PRO B 53 17.17 -21.80 -11.41
C PRO B 53 18.16 -20.83 -10.78
N SER B 54 18.18 -19.57 -11.23
CA SER B 54 19.13 -18.58 -10.75
C SER B 54 18.67 -17.82 -9.51
N ILE B 55 17.40 -17.94 -9.11
CA ILE B 55 16.84 -17.04 -8.11
C ILE B 55 16.32 -17.84 -6.92
N CYS B 56 16.33 -17.19 -5.76
CA CYS B 56 15.69 -17.76 -4.58
C CYS B 56 14.28 -17.25 -4.38
N MET B 57 13.87 -16.24 -5.15
CA MET B 57 12.60 -15.57 -4.91
C MET B 57 12.24 -14.76 -6.15
N LEU B 58 10.97 -14.79 -6.50
CA LEU B 58 10.43 -13.95 -7.56
C LEU B 58 9.47 -12.98 -6.91
N LYS B 59 9.74 -11.69 -7.04
CA LYS B 59 8.93 -10.64 -6.44
C LYS B 59 7.98 -10.09 -7.49
N THR B 60 6.68 -10.17 -7.22
CA THR B 60 5.65 -9.80 -8.17
C THR B 60 4.94 -8.52 -7.76
N HIS B 61 4.36 -7.85 -8.75
CA HIS B 61 3.31 -6.84 -8.52
C HIS B 61 2.10 -7.31 -9.33
N VAL B 62 1.22 -8.10 -8.71
CA VAL B 62 0.08 -8.64 -9.43
C VAL B 62 -0.86 -7.54 -9.91
N ASP B 63 -0.89 -6.42 -9.20
CA ASP B 63 -1.80 -5.34 -9.57
C ASP B 63 -1.32 -4.49 -10.74
N ILE B 64 -0.20 -4.85 -11.37
CA ILE B 64 0.15 -4.25 -12.66
C ILE B 64 0.00 -5.22 -13.82
N LEU B 65 -0.38 -6.48 -13.56
CA LEU B 65 -0.59 -7.43 -14.63
C LEU B 65 -1.88 -7.10 -15.38
N ASN B 66 -1.77 -6.76 -16.66
CA ASN B 66 -2.96 -6.35 -17.40
C ASN B 66 -3.90 -7.51 -17.64
N ASP B 67 -3.37 -8.73 -17.70
CA ASP B 67 -4.14 -9.94 -17.96
C ASP B 67 -4.03 -10.91 -16.81
N PHE B 68 -4.12 -10.38 -15.60
CA PHE B 68 -4.14 -11.24 -14.42
C PHE B 68 -5.33 -12.19 -14.47
N THR B 69 -5.07 -13.46 -14.14
CA THR B 69 -6.12 -14.39 -13.77
C THR B 69 -5.53 -15.31 -12.71
N LEU B 70 -6.39 -15.99 -11.96
CA LEU B 70 -5.88 -16.94 -10.98
C LEU B 70 -5.14 -18.09 -11.66
N ASP B 71 -5.53 -18.44 -12.89
CA ASP B 71 -4.82 -19.49 -13.61
C ASP B 71 -3.38 -19.07 -13.90
N VAL B 72 -3.12 -17.78 -14.06
CA VAL B 72 -1.74 -17.33 -14.24
C VAL B 72 -0.92 -17.65 -13.00
N MET B 73 -1.47 -17.41 -11.81
N MET B 73 -1.47 -17.39 -11.81
CA MET B 73 -0.74 -17.66 -10.58
CA MET B 73 -0.75 -17.66 -10.58
C MET B 73 -0.59 -19.16 -10.33
C MET B 73 -0.56 -19.16 -10.39
N LYS B 74 -1.54 -19.96 -10.79
CA LYS B 74 -1.38 -21.41 -10.76
C LYS B 74 -0.16 -21.83 -11.56
N GLU B 75 0.02 -21.27 -12.76
CA GLU B 75 1.18 -21.61 -13.57
C GLU B 75 2.46 -21.10 -12.93
N LEU B 76 2.41 -19.94 -12.28
CA LEU B 76 3.58 -19.43 -11.59
C LEU B 76 3.97 -20.33 -10.42
N ILE B 77 2.98 -20.84 -9.68
CA ILE B 77 3.26 -21.77 -8.61
C ILE B 77 3.97 -23.01 -9.14
N THR B 78 3.49 -23.54 -10.26
CA THR B 78 4.12 -24.72 -10.84
C THR B 78 5.60 -24.47 -11.11
N LEU B 79 5.92 -23.26 -11.60
CA LEU B 79 7.32 -22.93 -11.86
C LEU B 79 8.10 -22.74 -10.56
N ALA B 80 7.47 -22.11 -9.57
CA ALA B 80 8.14 -21.91 -8.28
C ALA B 80 8.49 -23.24 -7.64
N LYS B 81 7.61 -24.21 -7.76
CA LYS B 81 7.88 -25.55 -7.26
C LYS B 81 8.94 -26.30 -8.05
N HIS B 83 11.35 -25.06 -10.08
CA HIS B 83 12.68 -24.46 -9.98
C HIS B 83 13.10 -24.15 -8.58
N GLU B 84 12.17 -24.26 -7.67
CA GLU B 84 12.45 -24.05 -6.25
C GLU B 84 12.76 -22.60 -5.93
N PHE B 85 11.74 -21.75 -5.99
CA PHE B 85 11.85 -20.39 -5.50
C PHE B 85 10.54 -20.02 -4.83
N LEU B 86 10.61 -19.01 -3.96
CA LEU B 86 9.42 -18.48 -3.32
C LEU B 86 8.83 -17.34 -4.14
N ILE B 87 7.52 -17.13 -3.96
CA ILE B 87 6.80 -16.02 -4.58
C ILE B 87 6.55 -14.97 -3.51
N PHE B 88 7.02 -13.75 -3.76
CA PHE B 88 6.90 -12.61 -2.86
C PHE B 88 6.06 -11.56 -3.57
N GLU B 89 4.82 -11.37 -3.12
CA GLU B 89 3.97 -10.32 -3.69
C GLU B 89 4.25 -9.02 -2.95
N ASP B 90 4.79 -8.05 -3.68
CA ASP B 90 5.29 -6.78 -3.15
C ASP B 90 4.11 -5.80 -3.09
N ARG B 91 3.14 -6.16 -2.25
CA ARG B 91 1.88 -5.41 -2.14
C ARG B 91 1.98 -4.22 -1.21
N LYS B 92 2.99 -4.18 -0.34
N LYS B 92 2.95 -4.22 -0.29
CA LYS B 92 3.21 -3.08 0.60
CA LYS B 92 3.18 -3.06 0.56
C LYS B 92 1.93 -2.73 1.36
C LYS B 92 1.94 -2.72 1.38
N PHE B 93 1.37 -3.74 2.01
CA PHE B 93 0.15 -3.56 2.79
C PHE B 93 0.32 -2.44 3.80
N ALA B 94 -0.72 -1.64 3.95
CA ALA B 94 -0.70 -0.53 4.90
C ALA B 94 -2.01 -0.33 5.63
N ASP B 95 -3.08 -1.02 5.24
CA ASP B 95 -4.34 -0.85 5.95
C ASP B 95 -4.37 -1.71 7.21
N ILE B 96 -5.48 -1.61 7.95
CA ILE B 96 -5.61 -2.32 9.21
C ILE B 96 -6.95 -3.04 9.26
N GLY B 97 -7.10 -3.88 10.27
CA GLY B 97 -8.38 -4.45 10.57
C GLY B 97 -8.88 -5.35 9.45
N ASN B 98 -10.21 -5.41 9.32
N ASN B 98 -10.21 -5.39 9.31
CA ASN B 98 -10.83 -6.33 8.38
CA ASN B 98 -10.81 -6.33 8.37
C ASN B 98 -10.52 -5.97 6.92
C ASN B 98 -10.47 -5.97 6.93
N THR B 99 -10.20 -4.70 6.64
CA THR B 99 -9.83 -4.32 5.28
C THR B 99 -8.57 -5.03 4.83
N VAL B 100 -7.50 -4.95 5.63
CA VAL B 100 -6.25 -5.56 5.20
C VAL B 100 -6.38 -7.07 5.11
N LYS B 101 -7.22 -7.67 5.96
CA LYS B 101 -7.43 -9.12 5.85
C LYS B 101 -8.07 -9.46 4.52
N LYS B 102 -9.06 -8.67 4.08
CA LYS B 102 -9.72 -8.97 2.81
C LYS B 102 -8.81 -8.64 1.64
N GLN B 103 -7.95 -7.62 1.78
CA GLN B 103 -7.03 -7.29 0.69
C GLN B 103 -6.02 -8.40 0.49
N TYR B 104 -5.73 -9.16 1.54
CA TYR B 104 -4.74 -10.25 1.51
C TYR B 104 -5.39 -11.55 1.08
N GLU B 105 -6.58 -11.83 1.58
CA GLU B 105 -7.22 -13.10 1.35
C GLU B 105 -8.18 -13.09 0.17
N GLY B 106 -8.79 -11.96 -0.13
CA GLY B 106 -9.93 -11.96 -1.01
C GLY B 106 -9.80 -11.07 -2.22
N GLY B 107 -10.90 -10.45 -2.62
CA GLY B 107 -10.86 -9.70 -3.84
C GLY B 107 -10.56 -10.58 -5.04
N ILE B 108 -10.16 -9.91 -6.13
CA ILE B 108 -9.88 -10.64 -7.35
C ILE B 108 -8.56 -11.39 -7.25
N PHE B 109 -7.60 -10.85 -6.49
CA PHE B 109 -6.25 -11.38 -6.53
C PHE B 109 -6.01 -12.57 -5.62
N LYS B 110 -6.77 -12.68 -4.52
CA LYS B 110 -6.60 -13.76 -3.55
C LYS B 110 -5.13 -14.02 -3.24
N ILE B 111 -4.45 -12.96 -2.81
CA ILE B 111 -2.99 -12.98 -2.72
C ILE B 111 -2.51 -14.14 -1.85
N ALA B 112 -3.17 -14.36 -0.71
CA ALA B 112 -2.71 -15.37 0.23
C ALA B 112 -2.80 -16.77 -0.34
N SER B 113 -3.59 -16.98 -1.38
CA SER B 113 -3.70 -18.33 -1.95
C SER B 113 -2.44 -18.72 -2.72
N TRP B 114 -1.62 -17.77 -3.16
CA TRP B 114 -0.46 -18.10 -3.99
C TRP B 114 0.86 -17.48 -3.56
N ALA B 115 0.86 -16.48 -2.70
CA ALA B 115 2.07 -15.78 -2.30
C ALA B 115 2.64 -16.37 -1.02
N ASP B 116 3.85 -16.93 -1.11
CA ASP B 116 4.56 -17.38 0.07
C ASP B 116 4.86 -16.22 1.00
N LEU B 117 5.19 -15.07 0.44
CA LEU B 117 5.61 -13.91 1.20
C LEU B 117 4.89 -12.67 0.70
N VAL B 118 4.56 -11.77 1.63
CA VAL B 118 4.10 -10.43 1.33
C VAL B 118 4.89 -9.47 2.21
N ASN B 119 4.77 -8.18 1.93
CA ASN B 119 5.40 -7.18 2.77
C ASN B 119 4.37 -6.17 3.27
N ALA B 120 4.75 -5.46 4.33
CA ALA B 120 3.84 -4.55 4.99
C ALA B 120 4.62 -3.36 5.50
N HIS B 121 3.98 -2.20 5.46
CA HIS B 121 4.52 -1.02 6.12
C HIS B 121 4.12 -1.00 7.57
N VAL B 122 5.00 -0.45 8.40
CA VAL B 122 4.76 -0.39 9.83
C VAL B 122 4.35 0.98 10.34
N VAL B 123 4.20 1.95 9.45
CA VAL B 123 3.86 3.28 9.90
C VAL B 123 2.51 3.36 10.63
N PRO B 124 1.49 2.61 10.22
CA PRO B 124 0.27 2.75 11.01
C PRO B 124 0.27 2.04 12.36
N GLY B 125 1.26 1.20 12.63
CA GLY B 125 1.32 0.47 13.87
C GLY B 125 1.22 -1.00 13.57
N SER B 126 1.25 -1.81 14.61
CA SER B 126 1.17 -3.26 14.42
C SER B 126 -0.19 -3.72 13.90
N GLY B 127 -1.17 -2.83 13.76
CA GLY B 127 -2.44 -3.23 13.20
C GLY B 127 -2.35 -3.83 11.82
N VAL B 128 -1.36 -3.42 11.01
CA VAL B 128 -1.20 -4.00 9.68
C VAL B 128 -0.80 -5.47 9.79
N VAL B 129 0.23 -5.75 10.58
CA VAL B 129 0.67 -7.13 10.77
C VAL B 129 -0.43 -7.96 11.40
N LYS B 130 -1.10 -7.42 12.41
CA LYS B 130 -2.12 -8.21 13.10
C LYS B 130 -3.24 -8.61 12.14
N GLY B 131 -3.67 -7.68 11.29
CA GLY B 131 -4.73 -8.01 10.33
C GLY B 131 -4.28 -9.07 9.34
N LEU B 132 -3.08 -8.89 8.79
CA LEU B 132 -2.56 -9.89 7.86
C LEU B 132 -2.40 -11.24 8.53
N GLN B 133 -1.93 -11.24 9.79
N GLN B 133 -1.97 -11.24 9.79
CA GLN B 133 -1.71 -12.47 10.53
CA GLN B 133 -1.69 -12.50 10.48
C GLN B 133 -2.97 -13.30 10.62
C GLN B 133 -2.96 -13.31 10.74
N GLU B 134 -4.11 -12.64 10.87
CA GLU B 134 -5.36 -13.38 11.03
C GLU B 134 -5.65 -14.22 9.79
N VAL B 135 -5.11 -13.83 8.64
CA VAL B 135 -5.18 -14.66 7.45
C VAL B 135 -3.97 -15.57 7.33
N GLY B 136 -2.77 -14.98 7.44
CA GLY B 136 -1.57 -15.64 6.94
C GLY B 136 -1.08 -16.79 7.81
N LEU B 137 -1.17 -16.63 9.13
CA LEU B 137 -0.76 -17.72 10.01
C LEU B 137 -1.49 -19.01 9.69
N PRO B 138 -2.83 -19.05 9.64
CA PRO B 138 -3.51 -20.28 9.20
C PRO B 138 -2.96 -20.86 7.91
N LEU B 139 -2.46 -20.04 7.01
CA LEU B 139 -2.03 -20.49 5.69
C LEU B 139 -0.54 -20.77 5.62
N HIS B 140 0.19 -20.68 6.74
CA HIS B 140 1.63 -20.94 6.78
C HIS B 140 2.40 -19.99 5.87
N ARG B 141 1.98 -18.74 5.84
CA ARG B 141 2.62 -17.72 5.04
C ARG B 141 3.61 -16.94 5.91
N GLY B 142 4.39 -16.09 5.26
CA GLY B 142 5.29 -15.19 5.98
C GLY B 142 5.13 -13.77 5.50
N CYS B 143 5.60 -12.84 6.33
CA CYS B 143 5.52 -11.41 6.06
C CYS B 143 6.87 -10.77 6.29
N LEU B 144 7.19 -9.77 5.46
CA LEU B 144 8.39 -8.97 5.59
C LEU B 144 7.98 -7.55 5.95
N LEU B 145 8.63 -6.96 6.94
CA LEU B 145 8.32 -5.59 7.36
C LEU B 145 9.29 -4.62 6.69
N ILE B 146 8.76 -3.53 6.14
CA ILE B 146 9.61 -2.53 5.51
C ILE B 146 10.19 -1.67 6.62
N ALA B 147 11.45 -1.94 6.97
CA ALA B 147 12.08 -1.33 8.13
C ALA B 147 12.94 -0.12 7.78
N GLU B 148 13.50 -0.10 6.57
CA GLU B 148 14.31 1.01 6.12
C GLU B 148 13.95 1.31 4.67
N MET B 149 14.33 2.50 4.22
N MET B 149 14.32 2.51 4.22
CA MET B 149 14.10 2.94 2.86
CA MET B 149 14.09 2.95 2.86
C MET B 149 15.20 3.93 2.48
C MET B 149 15.20 3.92 2.49
N SER B 150 15.71 3.80 1.27
CA SER B 150 16.76 4.68 0.78
C SER B 150 16.28 5.63 -0.31
N SER B 151 15.02 5.52 -0.72
CA SER B 151 14.46 6.47 -1.68
C SER B 151 14.60 7.88 -1.14
N THR B 152 14.70 8.84 -2.06
CA THR B 152 14.94 10.22 -1.68
C THR B 152 13.79 10.75 -0.83
N GLY B 153 14.12 11.29 0.33
CA GLY B 153 13.13 11.86 1.22
C GLY B 153 12.47 10.88 2.16
N SER B 154 12.91 9.63 2.18
CA SER B 154 12.41 8.63 3.12
C SER B 154 12.26 9.23 4.52
N LEU B 155 11.19 8.83 5.18
CA LEU B 155 10.91 9.29 6.53
C LEU B 155 11.13 8.20 7.57
N ALA B 156 11.75 7.10 7.19
CA ALA B 156 11.99 6.04 8.15
C ALA B 156 13.21 6.42 8.97
N THR B 157 13.00 6.88 10.19
CA THR B 157 14.06 7.30 11.07
C THR B 157 14.68 6.14 11.82
N GLY B 158 15.68 6.41 12.66
CA GLY B 158 16.26 5.36 13.46
C GLY B 158 15.22 4.73 14.35
N ASP B 159 14.37 5.55 14.98
CA ASP B 159 13.31 5.06 15.83
C ASP B 159 12.29 4.23 15.04
N TYR B 160 11.98 4.64 13.82
CA TYR B 160 11.02 3.94 12.99
C TYR B 160 11.53 2.53 12.73
N THR B 161 12.81 2.43 12.44
CA THR B 161 13.42 1.14 12.18
C THR B 161 13.41 0.25 13.42
N ARG B 162 13.69 0.82 14.58
CA ARG B 162 13.68 0.04 15.81
C ARG B 162 12.28 -0.47 16.10
N ALA B 163 11.28 0.36 15.85
CA ALA B 163 9.91 -0.08 16.05
C ALA B 163 9.57 -1.23 15.11
N ALA B 164 10.08 -1.19 13.88
CA ALA B 164 9.80 -2.27 12.95
C ALA B 164 10.38 -3.58 13.44
N VAL B 165 11.59 -3.53 13.99
CA VAL B 165 12.26 -4.73 14.49
C VAL B 165 11.46 -5.30 15.67
N ARG B 166 11.07 -4.44 16.60
CA ARG B 166 10.31 -4.89 17.76
C ARG B 166 8.98 -5.51 17.34
N MET B 167 8.33 -4.93 16.33
CA MET B 167 7.12 -5.54 15.80
C MET B 167 7.41 -6.93 15.23
N ALA B 168 8.52 -7.07 14.51
CA ALA B 168 8.86 -8.39 13.97
C ALA B 168 9.04 -9.41 15.09
N GLU B 169 9.74 -9.03 16.15
CA GLU B 169 10.01 -9.98 17.23
C GLU B 169 8.72 -10.38 17.95
N GLU B 170 7.79 -9.45 18.08
CA GLU B 170 6.53 -9.74 18.74
C GLU B 170 5.60 -10.58 17.88
N HIS B 171 5.84 -10.65 16.58
CA HIS B 171 4.99 -11.38 15.66
C HIS B 171 5.80 -12.40 14.87
N SER B 172 6.78 -13.01 15.53
CA SER B 172 7.70 -13.92 14.85
C SER B 172 7.04 -15.19 14.34
N GLU B 173 5.79 -15.45 14.70
CA GLU B 173 5.07 -16.57 14.11
C GLU B 173 4.61 -16.27 12.69
N PHE B 174 4.74 -15.04 12.23
CA PHE B 174 4.32 -14.62 10.90
C PHE B 174 5.38 -13.77 10.20
N VAL B 175 6.05 -12.89 10.92
CA VAL B 175 7.04 -12.02 10.31
C VAL B 175 8.34 -12.81 10.21
N VAL B 176 8.88 -12.92 8.99
CA VAL B 176 10.08 -13.70 8.76
C VAL B 176 11.28 -12.85 8.37
N GLY B 177 11.12 -11.54 8.28
CA GLY B 177 12.26 -10.68 8.02
C GLY B 177 11.86 -9.27 7.61
N PHE B 178 12.80 -8.60 6.95
CA PHE B 178 12.72 -7.18 6.71
C PHE B 178 13.10 -6.83 5.28
N ILE B 179 12.50 -5.77 4.76
CA ILE B 179 13.05 -5.02 3.64
C ILE B 179 13.84 -3.86 4.25
N SER B 180 15.13 -3.80 3.94
CA SER B 180 16.00 -2.81 4.56
C SER B 180 17.24 -2.66 3.70
N GLY B 181 18.04 -1.65 4.03
CA GLY B 181 19.30 -1.43 3.36
C GLY B 181 20.48 -2.12 3.98
N SER B 182 20.29 -2.73 5.14
CA SER B 182 21.36 -3.37 5.89
C SER B 182 20.73 -4.25 6.96
N ARG B 183 21.58 -5.00 7.64
CA ARG B 183 21.10 -5.76 8.79
C ARG B 183 20.51 -4.82 9.83
N VAL B 184 19.26 -5.09 10.22
CA VAL B 184 18.59 -4.33 11.26
C VAL B 184 18.32 -5.16 12.51
N SER B 185 18.30 -6.48 12.41
CA SER B 185 18.19 -7.35 13.56
C SER B 185 19.39 -8.28 13.62
N MET B 186 19.92 -8.49 14.82
CA MET B 186 20.99 -9.44 15.04
C MET B 186 20.46 -10.86 15.28
N LYS B 187 19.16 -11.07 15.11
CA LYS B 187 18.59 -12.41 15.29
C LYS B 187 18.68 -13.17 13.98
N PRO B 188 19.40 -14.30 13.94
CA PRO B 188 19.61 -14.98 12.65
C PRO B 188 18.37 -15.63 12.08
N GLU B 189 17.26 -15.68 12.82
CA GLU B 189 16.04 -16.26 12.27
C GLU B 189 15.37 -15.33 11.26
N PHE B 190 15.71 -14.06 11.26
CA PHE B 190 15.09 -13.12 10.33
C PHE B 190 15.89 -12.95 9.06
N LEU B 191 15.21 -12.79 7.94
CA LEU B 191 15.87 -12.56 6.66
C LEU B 191 15.94 -11.06 6.37
N HIS B 192 16.99 -10.61 5.69
CA HIS B 192 17.09 -9.22 5.28
C HIS B 192 17.15 -9.18 3.78
N LEU B 193 16.27 -8.40 3.16
CA LEU B 193 16.22 -8.26 1.72
C LEU B 193 16.43 -6.79 1.38
N THR B 194 17.29 -6.53 0.39
CA THR B 194 17.73 -5.17 0.09
C THR B 194 17.52 -4.84 -1.36
N PRO B 195 16.72 -3.81 -1.68
CA PRO B 195 16.70 -3.28 -3.05
C PRO B 195 17.72 -2.18 -3.25
N GLY B 196 17.82 -1.69 -4.49
CA GLY B 196 18.77 -0.67 -4.83
C GLY B 196 20.15 -1.26 -5.07
N VAL B 197 20.21 -2.25 -5.96
CA VAL B 197 21.41 -3.06 -6.12
C VAL B 197 21.83 -3.00 -7.59
N GLN B 198 23.10 -2.69 -7.78
CA GLN B 198 23.70 -2.58 -9.09
C GLN B 198 25.08 -3.19 -9.15
N LEU B 199 25.45 -3.79 -10.27
CA LEU B 199 26.85 -4.10 -10.46
C LEU B 199 27.59 -2.82 -10.87
N GLU B 200 27.12 -2.19 -11.95
CA GLU B 200 27.67 -0.98 -12.52
C GLU B 200 27.11 0.25 -11.80
N ALA B 201 27.69 1.40 -12.07
CA ALA B 201 27.17 2.66 -11.53
C ALA B 201 26.56 3.51 -12.63
N GLN B 209 23.19 6.04 -6.66
CA GLN B 209 22.70 5.87 -5.30
C GLN B 209 22.63 4.39 -4.93
N TYR B 210 22.61 3.53 -5.95
CA TYR B 210 22.55 2.10 -5.72
C TYR B 210 23.90 1.59 -5.24
N ASN B 211 23.90 0.39 -4.67
CA ASN B 211 25.13 -0.21 -4.16
C ASN B 211 25.33 -1.59 -4.76
N SER B 212 26.57 -2.07 -4.66
CA SER B 212 26.92 -3.38 -5.17
C SER B 212 26.47 -4.46 -4.19
N PRO B 213 26.43 -5.69 -4.67
CA PRO B 213 26.14 -6.79 -3.75
C PRO B 213 27.20 -6.87 -2.68
N GLN B 214 28.45 -6.58 -3.00
CA GLN B 214 29.50 -6.69 -2.00
C GLN B 214 29.24 -5.75 -0.88
N GLU B 215 28.84 -4.56 -1.22
CA GLU B 215 28.49 -3.57 -0.20
C GLU B 215 27.25 -4.01 0.57
N VAL B 216 26.23 -4.49 -0.13
CA VAL B 216 24.95 -4.80 0.51
C VAL B 216 25.03 -6.10 1.30
N ILE B 217 25.55 -7.15 0.68
CA ILE B 217 25.62 -8.45 1.33
C ILE B 217 26.86 -8.53 2.22
N GLY B 218 27.99 -8.01 1.75
CA GLY B 218 29.25 -8.18 2.43
C GLY B 218 29.47 -7.24 3.61
N LYS B 219 29.35 -5.93 3.37
CA LYS B 219 29.63 -4.96 4.41
C LYS B 219 28.41 -4.66 5.27
N ARG B 220 27.23 -4.61 4.65
CA ARG B 220 26.00 -4.18 5.33
C ARG B 220 25.21 -5.34 5.91
N GLY B 221 25.58 -6.58 5.60
CA GLY B 221 25.04 -7.73 6.27
C GLY B 221 23.67 -8.19 5.82
N SER B 222 23.16 -7.69 4.70
CA SER B 222 21.90 -8.19 4.18
C SER B 222 22.07 -9.61 3.66
N ASP B 223 20.94 -10.29 3.45
CA ASP B 223 20.95 -11.67 3.01
C ASP B 223 20.66 -11.84 1.54
N ILE B 224 19.76 -11.03 0.98
CA ILE B 224 19.21 -11.23 -0.35
C ILE B 224 19.15 -9.89 -1.06
N ILE B 225 19.58 -9.88 -2.32
CA ILE B 225 19.49 -8.68 -3.15
C ILE B 225 18.23 -8.73 -3.99
N ILE B 226 17.54 -7.59 -4.09
CA ILE B 226 16.37 -7.45 -4.94
C ILE B 226 16.80 -6.65 -6.16
N VAL B 227 16.68 -7.24 -7.34
CA VAL B 227 17.16 -6.62 -8.56
C VAL B 227 16.07 -6.65 -9.62
N GLY B 228 15.78 -5.49 -10.21
CA GLY B 228 14.81 -5.40 -11.27
C GLY B 228 15.44 -5.09 -12.61
N ARG B 229 15.55 -3.80 -12.92
CA ARG B 229 15.89 -3.36 -14.26
C ARG B 229 17.27 -3.82 -14.70
N GLY B 230 18.22 -3.94 -13.77
CA GLY B 230 19.54 -4.45 -14.11
C GLY B 230 19.50 -5.82 -14.76
N ILE B 231 18.44 -6.59 -14.50
CA ILE B 231 18.19 -7.85 -15.19
C ILE B 231 17.13 -7.69 -16.27
N ILE B 232 15.98 -7.10 -15.91
CA ILE B 232 14.80 -7.17 -16.76
C ILE B 232 14.97 -6.38 -18.06
N SER B 233 15.69 -5.25 -18.00
N SER B 233 15.70 -5.25 -17.99
CA SER B 233 15.90 -4.42 -19.18
CA SER B 233 15.91 -4.43 -19.18
C SER B 233 17.10 -4.87 -20.03
C SER B 233 17.03 -4.95 -20.07
N ALA B 234 17.88 -5.83 -19.56
CA ALA B 234 18.98 -6.34 -20.35
C ALA B 234 18.47 -7.20 -21.51
N ALA B 235 19.30 -7.31 -22.54
CA ALA B 235 18.95 -8.18 -23.67
C ALA B 235 18.94 -9.63 -23.23
N ASP B 236 20.06 -10.12 -22.69
CA ASP B 236 20.18 -11.49 -22.20
C ASP B 236 19.89 -11.50 -20.71
N ARG B 237 18.62 -11.67 -20.35
CA ARG B 237 18.22 -11.61 -18.94
C ARG B 237 18.84 -12.73 -18.12
N LEU B 238 19.11 -13.87 -18.75
CA LEU B 238 19.68 -15.00 -18.01
C LEU B 238 21.11 -14.72 -17.60
N GLU B 239 21.96 -14.30 -18.56
CA GLU B 239 23.32 -13.94 -18.21
C GLU B 239 23.34 -12.82 -17.16
N ALA B 240 22.40 -11.88 -17.27
CA ALA B 240 22.33 -10.79 -16.30
C ALA B 240 22.04 -11.33 -14.90
N ALA B 241 21.03 -12.20 -14.80
CA ALA B 241 20.71 -12.80 -13.51
C ALA B 241 21.91 -13.51 -12.92
N GLU B 242 22.67 -14.22 -13.77
CA GLU B 242 23.81 -14.99 -13.29
C GLU B 242 24.92 -14.09 -12.79
N MET B 243 25.14 -12.94 -13.45
CA MET B 243 26.11 -11.98 -12.94
C MET B 243 25.73 -11.53 -11.54
N TYR B 244 24.45 -11.21 -11.33
CA TYR B 244 24.04 -10.77 -10.00
C TYR B 244 24.09 -11.91 -9.00
N ARG B 245 23.70 -13.13 -9.41
CA ARG B 245 23.72 -14.26 -8.49
C ARG B 245 25.14 -14.54 -8.01
N LYS B 246 26.10 -14.58 -8.93
CA LYS B 246 27.47 -14.87 -8.54
C LYS B 246 28.03 -13.79 -7.63
N ALA B 247 27.73 -12.53 -7.92
CA ALA B 247 28.21 -11.43 -7.08
C ALA B 247 27.64 -11.54 -5.67
N ALA B 248 26.32 -11.76 -5.57
CA ALA B 248 25.66 -11.84 -4.28
C ALA B 248 26.11 -13.06 -3.49
N TRP B 249 26.29 -14.19 -4.17
CA TRP B 249 26.71 -15.39 -3.48
C TRP B 249 28.15 -15.28 -2.98
N GLU B 250 29.04 -14.78 -3.84
N GLU B 250 29.04 -14.73 -3.80
CA GLU B 250 30.42 -14.56 -3.43
CA GLU B 250 30.43 -14.61 -3.37
C GLU B 250 30.49 -13.63 -2.22
C GLU B 250 30.58 -13.57 -2.28
N ALA B 251 29.70 -12.57 -2.24
CA ALA B 251 29.69 -11.65 -1.10
C ALA B 251 29.25 -12.37 0.17
N TYR B 252 28.27 -13.26 0.03
CA TYR B 252 27.81 -14.05 1.18
C TYR B 252 28.92 -14.97 1.68
N LEU B 253 29.62 -15.65 0.77
CA LEU B 253 30.68 -16.56 1.18
C LEU B 253 31.81 -15.82 1.87
N SER B 254 32.17 -14.64 1.36
CA SER B 254 33.26 -13.88 1.97
C SER B 254 32.88 -13.36 3.34
N ARG B 255 31.58 -13.31 3.64
CA ARG B 255 31.12 -12.92 4.97
C ARG B 255 31.32 -14.04 5.98
N LEU B 256 31.29 -15.29 5.53
CA LEU B 256 31.47 -16.41 6.45
C LEU B 256 32.92 -16.50 6.93
N GLY B 257 33.86 -16.50 5.99
CA GLY B 257 35.26 -16.73 6.32
C GLY B 257 35.55 -18.20 6.55
#